data_3Q1P
#
_entry.id   3Q1P
#
_cell.length_a   60.471
_cell.length_b   71.426
_cell.length_c   111.217
_cell.angle_alpha   90.000
_cell.angle_beta   90.000
_cell.angle_gamma   90.000
#
_symmetry.space_group_name_H-M   'P 21 21 21'
#
loop_
_entity.id
_entity.type
_entity.pdbx_description
1 polymer 'Phosphohydrolase (MutT/nudix family protein)'
2 non-polymer 'SULFATE ION'
3 water water
#
_entity_poly.entity_id   1
_entity_poly.type   'polypeptide(L)'
_entity_poly.pdbx_seq_one_letter_code
;(MSE)TIKWIDWVKQIQSIAQAGLTYSKDVYDIERFQQLRDISIS(MSE)(MSE)SHYTKTDWEVVEKLFASETGYQTPK
VDIRAVVFQNEKLLFVKEKSDGKWALPGGWADVGYTPTEVAAKEVFEETGYEVDHFKLLAIFDKEKHQPSPSATHVYKIF
IGCEIIGGEKKTSIETEEVEFFGENELPNLSIARNTEDQIKE(MSE)FAY(MSE)KDPQKEKLID
;
_entity_poly.pdbx_strand_id   A,B
#
loop_
_chem_comp.id
_chem_comp.type
_chem_comp.name
_chem_comp.formula
SO4 non-polymer 'SULFATE ION' 'O4 S -2'
#
# COMPACT_ATOMS: atom_id res chain seq x y z
N THR A 2 -9.76 17.61 17.16
CA THR A 2 -8.69 16.76 16.54
C THR A 2 -9.12 15.30 16.29
N ILE A 3 -8.77 14.77 15.11
CA ILE A 3 -9.00 13.36 14.81
C ILE A 3 -7.67 12.61 14.52
N LYS A 4 -6.57 13.18 15.03
CA LYS A 4 -5.24 12.60 14.92
C LYS A 4 -5.20 11.17 15.50
N TRP A 5 -6.09 10.91 16.46
CA TRP A 5 -6.12 9.62 17.16
C TRP A 5 -6.38 8.43 16.22
N ILE A 6 -7.13 8.65 15.15
CA ILE A 6 -7.39 7.59 14.17
C ILE A 6 -6.07 7.01 13.67
N ASP A 7 -5.16 7.90 13.26
CA ASP A 7 -3.81 7.51 12.83
C ASP A 7 -3.06 6.70 13.87
N TRP A 8 -3.11 7.18 15.12
CA TRP A 8 -2.43 6.53 16.23
C TRP A 8 -2.93 5.11 16.41
N VAL A 9 -4.25 4.96 16.46
CA VAL A 9 -4.87 3.66 16.74
C VAL A 9 -4.58 2.70 15.57
N LYS A 10 -4.59 3.22 14.34
CA LYS A 10 -4.21 2.42 13.18
C LYS A 10 -2.78 1.91 13.29
N GLN A 11 -1.90 2.77 13.80
CA GLN A 11 -0.49 2.40 14.04
C GLN A 11 -0.36 1.28 15.07
N ILE A 12 -1.05 1.43 16.19
CA ILE A 12 -1.03 0.41 17.26
C ILE A 12 -1.49 -0.95 16.75
N GLN A 13 -2.60 -0.96 16.00
CA GLN A 13 -3.14 -2.21 15.45
C GLN A 13 -2.13 -2.83 14.50
N SER A 14 -1.54 -2.01 13.63
CA SER A 14 -0.55 -2.47 12.67
C SER A 14 0.66 -3.13 13.35
N ILE A 15 1.20 -2.48 14.38
CA ILE A 15 2.36 -3.01 15.08
C ILE A 15 1.97 -4.30 15.81
N ALA A 16 0.78 -4.32 16.43
CA ALA A 16 0.29 -5.55 17.11
C ALA A 16 0.13 -6.69 16.11
N GLN A 17 -0.45 -6.39 14.94
N GLN A 17 -0.45 -6.39 14.95
CA GLN A 17 -0.62 -7.39 13.87
CA GLN A 17 -0.61 -7.37 13.88
C GLN A 17 0.71 -7.94 13.35
C GLN A 17 0.73 -7.94 13.41
N ALA A 18 1.72 -7.07 13.24
CA ALA A 18 3.09 -7.47 12.85
C ALA A 18 3.66 -8.44 13.88
N GLY A 19 3.48 -8.10 15.15
CA GLY A 19 3.96 -8.92 16.26
C GLY A 19 3.29 -10.30 16.28
N LEU A 20 1.97 -10.32 16.14
CA LEU A 20 1.21 -11.57 16.03
C LEU A 20 1.70 -12.44 14.88
N THR A 21 2.09 -11.80 13.78
CA THR A 21 2.57 -12.51 12.60
C THR A 21 3.99 -13.04 12.79
N TYR A 22 4.89 -12.22 13.32
CA TYR A 22 6.31 -12.56 13.29
C TYR A 22 6.96 -12.93 14.61
N SER A 23 6.33 -12.60 15.74
CA SER A 23 6.93 -12.98 17.01
C SER A 23 6.91 -14.48 17.17
N LYS A 24 7.99 -15.02 17.73
CA LYS A 24 8.12 -16.46 17.97
C LYS A 24 8.15 -16.76 19.47
N ASP A 25 7.94 -15.71 20.28
CA ASP A 25 7.95 -15.86 21.74
C ASP A 25 6.54 -15.94 22.30
N VAL A 26 6.24 -17.02 23.02
CA VAL A 26 4.88 -17.21 23.53
C VAL A 26 4.37 -16.04 24.40
N TYR A 27 5.26 -15.45 25.19
CA TYR A 27 4.87 -14.36 26.07
C TYR A 27 4.69 -13.05 25.29
N ASP A 28 5.57 -12.81 24.32
CA ASP A 28 5.42 -11.59 23.50
C ASP A 28 4.23 -11.66 22.56
N ILE A 29 3.92 -12.86 22.05
CA ILE A 29 2.69 -13.08 21.26
C ILE A 29 1.43 -12.68 22.07
N GLU A 30 1.41 -13.07 23.34
CA GLU A 30 0.35 -12.71 24.25
C GLU A 30 0.28 -11.19 24.42
N ARG A 31 1.44 -10.55 24.55
CA ARG A 31 1.51 -9.08 24.67
C ARG A 31 0.93 -8.40 23.41
N PHE A 32 1.30 -8.89 22.22
CA PHE A 32 0.78 -8.34 20.98
C PHE A 32 -0.73 -8.60 20.84
N GLN A 33 -1.20 -9.74 21.31
CA GLN A 33 -2.66 -9.97 21.34
C GLN A 33 -3.38 -8.91 22.19
N GLN A 34 -2.84 -8.63 23.38
CA GLN A 34 -3.48 -7.66 24.29
C GLN A 34 -3.49 -6.27 23.64
N LEU A 35 -2.38 -5.93 22.99
CA LEU A 35 -2.27 -4.66 22.27
C LEU A 35 -3.28 -4.53 21.12
N ARG A 36 -3.45 -5.59 20.32
CA ARG A 36 -4.48 -5.60 19.29
C ARG A 36 -5.86 -5.39 19.90
N ASP A 37 -6.15 -6.08 21.00
CA ASP A 37 -7.43 -5.93 21.66
C ASP A 37 -7.63 -4.51 22.23
N ILE A 38 -6.58 -3.90 22.77
CA ILE A 38 -6.67 -2.50 23.20
C ILE A 38 -7.01 -1.60 22.01
N SER A 39 -6.36 -1.84 20.87
CA SER A 39 -6.61 -1.01 19.68
C SER A 39 -8.08 -1.14 19.21
N ILE A 40 -8.64 -2.35 19.23
CA ILE A 40 -10.05 -2.56 18.93
C ILE A 40 -10.95 -1.80 19.93
N SER A 41 -10.65 -1.92 21.22
CA SER A 41 -11.42 -1.23 22.26
C SER A 41 -11.45 0.28 22.04
N MSE A 42 -10.29 0.85 21.69
CA MSE A 42 -10.17 2.29 21.42
C MSE A 42 -11.00 2.70 20.21
O MSE A 42 -11.74 3.70 20.25
CB MSE A 42 -8.70 2.64 21.19
CG MSE A 42 -7.85 2.70 22.44
SE MSE A 42 -5.95 2.85 22.02
CE MSE A 42 -5.58 4.45 23.02
N MSE A 43 -10.88 1.93 19.14
CA MSE A 43 -11.59 2.18 17.91
C MSE A 43 -13.11 2.03 18.12
O MSE A 43 -13.90 2.85 17.66
CB MSE A 43 -11.07 1.23 16.81
CG MSE A 43 -11.50 1.56 15.40
SE MSE A 43 -10.93 3.34 14.81
CE MSE A 43 -9.11 2.99 14.20
N SER A 44 -13.49 0.99 18.86
CA SER A 44 -14.90 0.74 19.16
C SER A 44 -15.54 1.90 19.94
N HIS A 45 -14.83 2.39 20.95
CA HIS A 45 -15.37 3.43 21.82
C HIS A 45 -15.49 4.75 21.06
N TYR A 46 -14.42 5.14 20.37
CA TYR A 46 -14.35 6.45 19.71
C TYR A 46 -15.00 6.56 18.32
N THR A 47 -15.61 5.45 17.86
CA THR A 47 -16.46 5.48 16.67
C THR A 47 -17.87 5.01 17.01
N LYS A 48 -18.13 4.75 18.28
CA LYS A 48 -19.39 4.18 18.78
C LYS A 48 -19.86 3.00 17.92
N THR A 49 -18.95 2.07 17.69
CA THR A 49 -19.22 0.90 16.87
C THR A 49 -19.01 -0.35 17.71
N ASP A 50 -19.92 -1.31 17.59
CA ASP A 50 -19.87 -2.57 18.31
C ASP A 50 -18.47 -3.19 18.23
N TRP A 51 -17.92 -3.57 19.38
CA TRP A 51 -16.56 -4.14 19.50
C TRP A 51 -16.27 -5.29 18.52
N GLU A 52 -17.21 -6.22 18.39
N GLU A 52 -17.18 -6.25 18.39
CA GLU A 52 -17.09 -7.37 17.51
CA GLU A 52 -16.97 -7.37 17.47
C GLU A 52 -17.11 -7.00 16.02
C GLU A 52 -17.09 -6.98 15.99
N VAL A 53 -17.86 -5.94 15.70
CA VAL A 53 -17.92 -5.37 14.36
C VAL A 53 -16.57 -4.73 14.05
N VAL A 54 -16.05 -3.94 14.98
CA VAL A 54 -14.69 -3.40 14.82
C VAL A 54 -13.65 -4.50 14.63
N GLU A 55 -13.68 -5.52 15.48
CA GLU A 55 -12.71 -6.62 15.34
C GLU A 55 -12.73 -7.21 13.92
N LYS A 56 -13.94 -7.39 13.38
CA LYS A 56 -14.13 -7.99 12.05
C LYS A 56 -13.60 -7.09 10.95
N LEU A 57 -13.92 -5.80 11.04
CA LEU A 57 -13.63 -4.87 9.95
C LEU A 57 -12.25 -4.21 10.02
N PHE A 58 -11.63 -4.25 11.20
CA PHE A 58 -10.40 -3.50 11.49
C PHE A 58 -9.23 -4.37 11.97
N ALA A 59 -9.50 -5.56 12.50
CA ALA A 59 -8.44 -6.33 13.16
C ALA A 59 -8.57 -7.85 13.00
N SER A 60 -9.00 -8.29 11.81
N SER A 60 -9.01 -8.29 11.82
CA SER A 60 -9.18 -9.71 11.52
CA SER A 60 -9.16 -9.73 11.55
C SER A 60 -8.30 -10.23 10.38
C SER A 60 -8.16 -10.25 10.51
N GLU A 61 -7.46 -9.35 9.83
CA GLU A 61 -6.47 -9.74 8.81
C GLU A 61 -5.38 -10.59 9.45
N THR A 62 -4.87 -11.59 8.73
CA THR A 62 -3.65 -12.26 9.17
C THR A 62 -2.48 -11.73 8.35
N GLY A 63 -1.26 -11.95 8.83
CA GLY A 63 -0.05 -11.51 8.15
C GLY A 63 0.19 -10.04 8.43
N TYR A 64 1.33 -9.54 7.98
CA TYR A 64 1.66 -8.12 8.14
C TYR A 64 0.59 -7.23 7.54
N GLN A 65 0.22 -6.15 8.22
CA GLN A 65 -0.80 -5.26 7.68
C GLN A 65 -0.20 -4.24 6.72
N THR A 66 -0.63 -4.33 5.47
CA THR A 66 -0.22 -3.33 4.47
C THR A 66 -1.45 -2.54 4.00
N PRO A 67 -1.23 -1.43 3.26
CA PRO A 67 -2.34 -0.79 2.59
C PRO A 67 -3.10 -1.77 1.68
N LYS A 68 -4.36 -1.45 1.43
CA LYS A 68 -5.21 -2.20 0.53
C LYS A 68 -5.01 -1.69 -0.89
N VAL A 69 -5.27 -2.55 -1.87
CA VAL A 69 -5.08 -2.18 -3.28
C VAL A 69 -6.40 -1.94 -4.03
N ASP A 70 -6.52 -0.74 -4.62
CA ASP A 70 -7.63 -0.38 -5.52
C ASP A 70 -7.06 -0.34 -6.93
N ILE A 71 -7.84 -0.79 -7.91
CA ILE A 71 -7.44 -0.79 -9.31
C ILE A 71 -8.37 0.16 -10.06
N ARG A 72 -7.82 0.98 -10.94
CA ARG A 72 -8.67 1.78 -11.84
C ARG A 72 -8.23 1.57 -13.29
N ALA A 73 -9.18 1.21 -14.15
CA ALA A 73 -8.91 1.02 -15.58
C ALA A 73 -9.13 2.32 -16.35
N VAL A 74 -8.16 2.64 -17.20
CA VAL A 74 -8.12 3.88 -17.95
C VAL A 74 -8.26 3.45 -19.40
N VAL A 75 -9.45 3.69 -19.96
CA VAL A 75 -9.80 3.20 -21.31
C VAL A 75 -10.25 4.43 -22.10
N PHE A 76 -9.51 4.75 -23.17
CA PHE A 76 -9.85 5.90 -24.02
C PHE A 76 -10.40 5.42 -25.36
N GLN A 77 -11.32 6.21 -25.91
CA GLN A 77 -11.76 6.02 -27.29
C GLN A 77 -12.04 7.37 -27.89
N ASN A 78 -11.27 7.71 -28.93
CA ASN A 78 -11.38 8.97 -29.65
C ASN A 78 -11.32 10.17 -28.69
N GLU A 79 -10.27 10.17 -27.87
CA GLU A 79 -9.96 11.27 -26.94
C GLU A 79 -10.93 11.40 -25.76
N LYS A 80 -11.79 10.40 -25.59
CA LYS A 80 -12.75 10.39 -24.49
C LYS A 80 -12.50 9.23 -23.54
N LEU A 81 -12.74 9.47 -22.25
CA LEU A 81 -12.39 8.51 -21.22
C LEU A 81 -13.63 7.79 -20.67
N LEU A 82 -13.49 6.48 -20.43
CA LEU A 82 -14.64 5.65 -20.03
C LEU A 82 -14.96 5.74 -18.53
N PHE A 83 -16.19 6.20 -18.24
CA PHE A 83 -16.70 6.28 -16.85
C PHE A 83 -17.98 5.46 -16.66
N VAL A 84 -18.21 5.06 -15.41
CA VAL A 84 -19.38 4.30 -14.97
C VAL A 84 -20.05 5.05 -13.83
N LYS A 85 -21.37 5.19 -13.89
CA LYS A 85 -22.15 5.90 -12.86
C LYS A 85 -22.60 4.96 -11.73
N GLU A 86 -22.34 5.38 -10.50
CA GLU A 86 -22.93 4.72 -9.32
C GLU A 86 -24.41 5.09 -9.16
N GLY A 90 -25.23 9.64 -7.32
CA GLY A 90 -25.17 9.47 -8.78
C GLY A 90 -23.85 9.96 -9.37
N LYS A 91 -22.75 9.55 -8.75
CA LYS A 91 -21.43 10.04 -9.15
C LYS A 91 -20.64 9.04 -10.01
N TRP A 92 -19.68 9.54 -10.78
CA TRP A 92 -19.02 8.74 -11.81
C TRP A 92 -17.56 8.38 -11.48
N ALA A 93 -17.13 7.21 -11.94
CA ALA A 93 -15.75 6.77 -11.74
C ALA A 93 -15.27 5.88 -12.87
N LEU A 94 -13.95 5.80 -13.01
CA LEU A 94 -13.35 4.80 -13.88
C LEU A 94 -13.75 3.38 -13.43
N PRO A 95 -13.84 2.44 -14.38
CA PRO A 95 -14.08 1.06 -13.97
C PRO A 95 -12.97 0.60 -13.03
N GLY A 96 -13.32 -0.24 -12.06
CA GLY A 96 -12.31 -0.82 -11.17
C GLY A 96 -12.87 -1.19 -9.81
N GLY A 97 -12.05 -1.06 -8.77
CA GLY A 97 -12.44 -1.47 -7.42
C GLY A 97 -11.33 -2.22 -6.72
N TRP A 98 -11.66 -2.88 -5.61
CA TRP A 98 -10.66 -3.64 -4.88
C TRP A 98 -10.01 -4.72 -5.72
N ALA A 99 -8.70 -4.89 -5.56
CA ALA A 99 -8.00 -6.01 -6.16
C ALA A 99 -8.36 -7.29 -5.40
N ASP A 100 -8.90 -8.28 -6.10
CA ASP A 100 -9.28 -9.54 -5.47
C ASP A 100 -8.09 -10.44 -5.29
N VAL A 101 -8.01 -11.05 -4.11
CA VAL A 101 -6.99 -12.05 -3.84
C VAL A 101 -7.07 -13.13 -4.94
N GLY A 102 -5.92 -13.50 -5.49
CA GLY A 102 -5.82 -14.51 -6.54
C GLY A 102 -5.79 -13.99 -7.96
N TYR A 103 -5.98 -12.68 -8.15
CA TYR A 103 -5.92 -12.04 -9.48
C TYR A 103 -4.69 -11.15 -9.59
N THR A 104 -4.11 -11.06 -10.78
CA THR A 104 -3.02 -10.09 -11.00
C THR A 104 -3.64 -8.71 -11.19
N PRO A 105 -2.83 -7.63 -11.09
CA PRO A 105 -3.41 -6.31 -11.34
C PRO A 105 -4.16 -6.18 -12.67
N THR A 106 -3.59 -6.72 -13.75
CA THR A 106 -4.24 -6.58 -15.05
C THR A 106 -5.52 -7.41 -15.12
N GLU A 107 -5.50 -8.58 -14.50
CA GLU A 107 -6.71 -9.43 -14.42
C GLU A 107 -7.86 -8.73 -13.74
N VAL A 108 -7.58 -7.98 -12.67
CA VAL A 108 -8.62 -7.16 -12.03
C VAL A 108 -9.14 -6.07 -12.96
N ALA A 109 -8.23 -5.36 -13.63
CA ALA A 109 -8.63 -4.31 -14.56
C ALA A 109 -9.55 -4.89 -15.63
N ALA A 110 -9.16 -6.02 -16.20
CA ALA A 110 -9.94 -6.70 -17.27
C ALA A 110 -11.33 -7.10 -16.81
N LYS A 111 -11.39 -7.75 -15.65
CA LYS A 111 -12.65 -8.24 -15.08
C LYS A 111 -13.60 -7.07 -14.81
N GLU A 112 -13.07 -6.01 -14.20
CA GLU A 112 -13.90 -4.86 -13.84
C GLU A 112 -14.41 -4.10 -15.06
N VAL A 113 -13.56 -3.90 -16.05
CA VAL A 113 -14.03 -3.27 -17.29
C VAL A 113 -15.15 -4.12 -17.91
N PHE A 114 -14.94 -5.43 -17.99
CA PHE A 114 -15.94 -6.31 -18.61
C PHE A 114 -17.26 -6.30 -17.83
N GLU A 115 -17.17 -6.45 -16.51
CA GLU A 115 -18.36 -6.53 -15.66
C GLU A 115 -19.11 -5.21 -15.57
N GLU A 116 -18.39 -4.10 -15.53
CA GLU A 116 -19.01 -2.79 -15.39
C GLU A 116 -19.45 -2.16 -16.71
N THR A 117 -18.74 -2.46 -17.80
CA THR A 117 -18.97 -1.72 -19.06
C THR A 117 -19.38 -2.58 -20.25
N GLY A 118 -19.07 -3.87 -20.20
CA GLY A 118 -19.33 -4.79 -21.32
C GLY A 118 -18.17 -4.98 -22.28
N TYR A 119 -17.17 -4.11 -22.21
CA TYR A 119 -15.99 -4.18 -23.09
C TYR A 119 -14.95 -5.21 -22.65
N GLU A 120 -14.32 -5.86 -23.62
CA GLU A 120 -13.20 -6.75 -23.38
C GLU A 120 -11.95 -5.96 -23.68
N VAL A 121 -10.98 -6.00 -22.76
CA VAL A 121 -9.75 -5.23 -22.93
C VAL A 121 -8.48 -6.06 -22.82
N ASP A 122 -7.38 -5.54 -23.36
CA ASP A 122 -6.08 -6.18 -23.30
C ASP A 122 -5.04 -5.09 -23.48
N HIS A 123 -3.77 -5.48 -23.59
CA HIS A 123 -2.67 -4.59 -23.93
C HIS A 123 -2.46 -3.56 -22.82
N PHE A 124 -2.18 -4.09 -21.64
CA PHE A 124 -2.15 -3.28 -20.43
C PHE A 124 -0.91 -2.41 -20.29
N LYS A 125 -1.09 -1.20 -19.76
CA LYS A 125 -0.02 -0.25 -19.51
C LYS A 125 -0.12 0.23 -18.06
N LEU A 126 0.98 0.20 -17.33
CA LEU A 126 1.01 0.78 -15.98
C LEU A 126 1.14 2.31 -16.11
N LEU A 127 0.17 3.05 -15.57
CA LEU A 127 0.10 4.49 -15.77
C LEU A 127 0.44 5.33 -14.54
N ALA A 128 0.02 4.87 -13.35
CA ALA A 128 0.26 5.63 -12.12
C ALA A 128 0.00 4.74 -10.92
N ILE A 129 0.65 5.07 -9.80
CA ILE A 129 0.21 4.53 -8.51
C ILE A 129 0.02 5.71 -7.57
N PHE A 130 -1.24 5.99 -7.25
CA PHE A 130 -1.57 7.12 -6.37
C PHE A 130 -1.90 6.62 -4.97
N ASP A 131 -1.51 7.40 -3.98
CA ASP A 131 -1.91 7.14 -2.59
C ASP A 131 -3.27 7.80 -2.32
N LYS A 132 -4.26 6.98 -1.98
CA LYS A 132 -5.63 7.48 -1.80
C LYS A 132 -5.68 8.54 -0.71
N GLU A 133 -4.92 8.30 0.36
CA GLU A 133 -4.99 9.16 1.53
C GLU A 133 -4.37 10.52 1.24
N LYS A 134 -3.39 10.56 0.33
CA LYS A 134 -2.79 11.81 -0.11
C LYS A 134 -3.73 12.62 -1.01
N HIS A 135 -4.44 11.95 -1.92
CA HIS A 135 -5.21 12.65 -2.94
C HIS A 135 -6.67 12.93 -2.63
N GLN A 136 -7.32 11.98 -1.98
CA GLN A 136 -8.73 12.08 -1.63
C GLN A 136 -8.88 11.67 -0.17
N PRO A 137 -8.30 12.46 0.75
CA PRO A 137 -8.27 12.11 2.17
C PRO A 137 -9.67 12.09 2.76
N SER A 138 -9.87 11.20 3.73
CA SER A 138 -11.11 11.12 4.48
C SER A 138 -10.74 10.36 5.73
N PRO A 139 -11.42 10.65 6.85
CA PRO A 139 -11.21 9.84 8.04
C PRO A 139 -11.48 8.39 7.66
N SER A 140 -10.48 7.53 7.85
CA SER A 140 -10.55 6.15 7.39
C SER A 140 -9.81 5.22 8.34
N ALA A 141 -10.38 4.02 8.53
CA ALA A 141 -9.74 2.98 9.32
C ALA A 141 -8.64 2.27 8.55
N THR A 142 -8.54 2.55 7.24
CA THR A 142 -7.59 1.83 6.39
C THR A 142 -6.65 2.78 5.61
N HIS A 143 -5.88 2.22 4.69
CA HIS A 143 -4.98 2.99 3.82
C HIS A 143 -5.02 2.29 2.47
N VAL A 144 -5.12 3.07 1.39
CA VAL A 144 -5.30 2.49 0.06
C VAL A 144 -4.28 3.05 -0.93
N TYR A 145 -3.70 2.15 -1.72
CA TYR A 145 -2.91 2.49 -2.91
C TYR A 145 -3.75 2.19 -4.15
N LYS A 146 -3.72 3.10 -5.13
CA LYS A 146 -4.59 3.03 -6.29
C LYS A 146 -3.74 2.86 -7.55
N ILE A 147 -3.84 1.70 -8.19
CA ILE A 147 -3.06 1.42 -9.40
C ILE A 147 -3.90 1.75 -10.65
N PHE A 148 -3.43 2.68 -11.47
CA PHE A 148 -4.13 3.10 -12.68
C PHE A 148 -3.52 2.35 -13.84
N ILE A 149 -4.35 1.57 -14.55
CA ILE A 149 -3.89 0.68 -15.61
C ILE A 149 -4.58 1.04 -16.93
N GLY A 150 -3.79 1.38 -17.94
CA GLY A 150 -4.37 1.68 -19.26
C GLY A 150 -4.68 0.40 -20.02
N CYS A 151 -5.79 0.40 -20.77
CA CYS A 151 -6.25 -0.79 -21.51
C CYS A 151 -6.74 -0.41 -22.91
N GLU A 152 -6.56 -1.33 -23.84
CA GLU A 152 -7.14 -1.19 -25.18
C GLU A 152 -8.39 -2.06 -25.33
N ILE A 153 -9.46 -1.48 -25.87
CA ILE A 153 -10.67 -2.26 -26.18
C ILE A 153 -10.40 -3.15 -27.40
N ILE A 154 -10.57 -4.45 -27.20
CA ILE A 154 -10.34 -5.46 -28.25
C ILE A 154 -11.58 -6.29 -28.58
N GLY A 155 -12.69 -6.03 -27.89
CA GLY A 155 -13.91 -6.83 -28.00
C GLY A 155 -15.05 -6.36 -27.12
N GLY A 156 -16.19 -7.04 -27.22
CA GLY A 156 -17.41 -6.66 -26.50
C GLY A 156 -18.08 -5.40 -27.02
N GLU A 157 -19.02 -4.89 -26.25
CA GLU A 157 -19.72 -3.65 -26.59
C GLU A 157 -20.24 -2.95 -25.33
N LYS A 158 -20.39 -1.64 -25.44
CA LYS A 158 -20.79 -0.80 -24.32
C LYS A 158 -22.19 -1.18 -23.83
N LYS A 159 -22.32 -1.36 -22.51
CA LYS A 159 -23.62 -1.57 -21.90
C LYS A 159 -24.52 -0.38 -22.16
N THR A 160 -25.81 -0.69 -22.34
CA THR A 160 -26.86 0.31 -22.52
C THR A 160 -27.75 0.30 -21.29
N SER A 161 -28.39 1.43 -21.02
CA SER A 161 -29.32 1.53 -19.90
C SER A 161 -30.56 2.32 -20.30
N ILE A 162 -31.74 1.77 -19.98
CA ILE A 162 -33.01 2.42 -20.32
C ILE A 162 -33.32 3.61 -19.38
N GLU A 163 -33.53 4.78 -20.01
CA GLU A 163 -33.92 6.03 -19.34
C GLU A 163 -32.90 6.62 -18.35
N THR A 164 -31.68 6.07 -18.34
CA THR A 164 -30.60 6.55 -17.46
C THR A 164 -29.26 6.55 -18.19
N GLU A 165 -28.33 7.38 -17.71
CA GLU A 165 -26.91 7.31 -18.11
C GLU A 165 -26.16 6.48 -17.08
N GLU A 166 -25.47 5.43 -17.53
CA GLU A 166 -24.70 4.60 -16.59
C GLU A 166 -23.25 4.31 -17.01
N VAL A 167 -23.01 4.20 -18.31
CA VAL A 167 -21.70 3.85 -18.84
C VAL A 167 -21.47 4.73 -20.05
N GLU A 168 -20.51 5.67 -19.98
CA GLU A 168 -20.28 6.60 -21.09
C GLU A 168 -18.82 7.07 -21.20
N PHE A 169 -18.44 7.47 -22.41
CA PHE A 169 -17.14 8.10 -22.68
C PHE A 169 -17.26 9.63 -22.58
N PHE A 170 -16.33 10.27 -21.87
CA PHE A 170 -16.37 11.72 -21.66
C PHE A 170 -15.03 12.37 -22.02
N GLY A 171 -15.09 13.47 -22.78
CA GLY A 171 -13.91 14.27 -23.08
C GLY A 171 -13.49 15.14 -21.89
N GLU A 172 -12.28 15.69 -21.98
CA GLU A 172 -11.68 16.43 -20.87
C GLU A 172 -12.45 17.68 -20.48
N ASN A 173 -13.17 18.28 -21.43
CA ASN A 173 -13.93 19.50 -21.15
C ASN A 173 -15.41 19.28 -20.84
N GLU A 174 -15.79 18.01 -20.67
CA GLU A 174 -17.17 17.63 -20.38
C GLU A 174 -17.25 16.55 -19.31
N LEU A 175 -16.35 16.59 -18.34
CA LEU A 175 -16.32 15.55 -17.30
C LEU A 175 -17.60 15.57 -16.46
N PRO A 176 -18.12 14.38 -16.10
CA PRO A 176 -19.34 14.30 -15.30
C PRO A 176 -19.00 14.58 -13.83
N ASN A 177 -20.02 14.51 -12.97
CA ASN A 177 -19.84 14.59 -11.53
C ASN A 177 -19.03 13.41 -11.01
N LEU A 178 -17.81 13.68 -10.56
CA LEU A 178 -16.89 12.62 -10.15
C LEU A 178 -17.12 12.12 -8.72
N SER A 179 -16.97 10.81 -8.55
CA SER A 179 -16.84 10.22 -7.22
C SER A 179 -15.40 10.46 -6.78
N ILE A 180 -15.18 11.51 -6.02
CA ILE A 180 -13.81 11.92 -5.62
C ILE A 180 -13.07 10.83 -4.83
N ALA A 181 -13.80 10.05 -4.03
CA ALA A 181 -13.20 8.95 -3.28
C ALA A 181 -12.54 7.93 -4.20
N ARG A 182 -13.07 7.82 -5.42
CA ARG A 182 -12.58 6.84 -6.40
C ARG A 182 -11.63 7.45 -7.44
N ASN A 183 -11.88 8.70 -7.79
CA ASN A 183 -10.97 9.47 -8.66
C ASN A 183 -11.14 10.96 -8.52
N THR A 184 -10.05 11.66 -8.22
CA THR A 184 -10.05 13.11 -8.07
C THR A 184 -9.99 13.76 -9.45
N GLU A 185 -10.27 15.06 -9.49
CA GLU A 185 -10.20 15.81 -10.73
C GLU A 185 -8.78 15.73 -11.32
N ASP A 186 -7.77 15.96 -10.50
CA ASP A 186 -6.37 15.96 -10.97
C ASP A 186 -5.85 14.56 -11.37
N GLN A 187 -6.37 13.51 -10.72
CA GLN A 187 -6.04 12.14 -11.15
C GLN A 187 -6.55 11.92 -12.57
N ILE A 188 -7.77 12.37 -12.84
CA ILE A 188 -8.33 12.31 -14.20
C ILE A 188 -7.55 13.18 -15.19
N LYS A 189 -7.21 14.41 -14.78
CA LYS A 189 -6.39 15.29 -15.61
C LYS A 189 -5.06 14.65 -15.99
N GLU A 190 -4.46 13.92 -15.05
CA GLU A 190 -3.21 13.24 -15.32
C GLU A 190 -3.38 12.14 -16.39
N MSE A 191 -4.54 11.49 -16.39
CA MSE A 191 -4.81 10.45 -17.39
C MSE A 191 -4.96 11.08 -18.80
O MSE A 191 -4.42 10.56 -19.77
CB MSE A 191 -6.04 9.62 -17.01
CG MSE A 191 -5.82 8.74 -15.76
SE MSE A 191 -4.13 7.72 -15.71
CE MSE A 191 -3.15 8.76 -14.37
N PHE A 192 -5.66 12.22 -18.88
CA PHE A 192 -5.70 12.97 -20.15
C PHE A 192 -4.31 13.46 -20.59
N ALA A 193 -3.47 13.82 -19.63
CA ALA A 193 -2.09 14.24 -19.95
C ALA A 193 -1.30 13.09 -20.55
N TYR A 194 -1.48 11.89 -19.99
CA TYR A 194 -0.92 10.66 -20.55
C TYR A 194 -1.43 10.43 -21.98
N MSE A 195 -2.75 10.53 -22.17
CA MSE A 195 -3.33 10.31 -23.51
C MSE A 195 -2.71 11.22 -24.58
O MSE A 195 -2.45 10.78 -25.71
CB MSE A 195 -4.85 10.48 -23.48
CG MSE A 195 -5.54 10.15 -24.81
SE MSE A 195 -5.76 11.78 -25.87
CE MSE A 195 -7.04 12.71 -24.74
N LYS A 196 -2.44 12.47 -24.20
CA LYS A 196 -1.83 13.46 -25.09
C LYS A 196 -0.34 13.22 -25.32
N ASP A 197 0.33 12.68 -24.31
CA ASP A 197 1.77 12.43 -24.36
C ASP A 197 2.10 11.10 -23.68
N PRO A 198 1.83 9.97 -24.36
CA PRO A 198 1.98 8.65 -23.72
C PRO A 198 3.38 8.30 -23.23
N GLN A 199 4.40 8.99 -23.75
CA GLN A 199 5.77 8.74 -23.32
C GLN A 199 6.16 9.45 -22.01
N LYS A 200 5.24 10.26 -21.48
CA LYS A 200 5.53 11.03 -20.25
C LYS A 200 5.81 10.18 -19.01
N GLU A 201 6.40 10.83 -18.02
CA GLU A 201 6.67 10.21 -16.72
C GLU A 201 5.40 9.62 -16.10
N LYS A 202 5.51 8.40 -15.59
CA LYS A 202 4.37 7.73 -14.95
C LYS A 202 4.44 7.97 -13.44
N LEU A 203 3.40 8.62 -12.90
CA LEU A 203 3.46 9.17 -11.54
C LEU A 203 3.39 8.11 -10.45
N ILE A 204 4.16 8.32 -9.38
CA ILE A 204 4.03 7.51 -8.17
C ILE A 204 4.15 8.40 -6.92
N ASP A 205 3.20 8.27 -5.99
CA ASP A 205 3.29 9.00 -4.72
C ASP A 205 4.30 8.36 -3.76
N THR B 2 -15.61 10.55 31.01
CA THR B 2 -14.55 10.00 31.90
C THR B 2 -13.17 9.92 31.21
N ILE B 3 -13.11 10.42 29.97
CA ILE B 3 -11.91 10.37 29.10
C ILE B 3 -11.17 9.01 29.12
N LYS B 4 -11.63 8.12 28.25
CA LYS B 4 -11.17 6.73 28.22
C LYS B 4 -9.79 6.49 27.62
N TRP B 5 -9.35 7.37 26.72
CA TRP B 5 -8.09 7.15 26.00
C TRP B 5 -6.86 7.09 26.91
N ILE B 6 -6.89 7.85 28.01
CA ILE B 6 -5.78 7.92 28.96
C ILE B 6 -5.38 6.54 29.50
N ASP B 7 -6.35 5.81 30.05
CA ASP B 7 -6.08 4.49 30.63
C ASP B 7 -5.65 3.48 29.58
N TRP B 8 -6.23 3.53 28.39
CA TRP B 8 -5.81 2.63 27.31
C TRP B 8 -4.36 2.89 26.89
N VAL B 9 -3.99 4.17 26.81
CA VAL B 9 -2.61 4.51 26.50
C VAL B 9 -1.65 4.04 27.60
N LYS B 10 -2.07 4.15 28.85
CA LYS B 10 -1.24 3.70 29.97
C LYS B 10 -1.01 2.19 29.92
N GLN B 11 -2.04 1.46 29.52
CA GLN B 11 -1.97 0.01 29.33
C GLN B 11 -0.99 -0.35 28.24
N ILE B 12 -1.06 0.37 27.11
CA ILE B 12 -0.08 0.19 26.03
C ILE B 12 1.34 0.44 26.52
N GLN B 13 1.53 1.52 27.25
CA GLN B 13 2.83 1.88 27.81
C GLN B 13 3.42 0.74 28.67
N SER B 14 2.58 0.16 29.52
CA SER B 14 3.01 -0.88 30.46
C SER B 14 3.40 -2.15 29.72
N ILE B 15 2.55 -2.58 28.79
CA ILE B 15 2.84 -3.76 27.97
C ILE B 15 4.11 -3.56 27.14
N ALA B 16 4.22 -2.41 26.49
CA ALA B 16 5.40 -2.09 25.69
C ALA B 16 6.70 -2.12 26.50
N GLN B 17 6.66 -1.52 27.69
CA GLN B 17 7.80 -1.49 28.60
C GLN B 17 8.21 -2.88 29.04
N ALA B 18 7.23 -3.73 29.36
CA ALA B 18 7.51 -5.13 29.72
C ALA B 18 8.16 -5.85 28.53
N GLY B 19 7.58 -5.67 27.34
CA GLY B 19 8.08 -6.30 26.15
C GLY B 19 9.52 -5.93 25.84
N LEU B 20 9.83 -4.64 25.87
CA LEU B 20 11.20 -4.20 25.55
C LEU B 20 12.23 -4.61 26.62
N THR B 21 11.75 -4.80 27.85
CA THR B 21 12.60 -5.18 28.98
C THR B 21 13.00 -6.65 28.92
N TYR B 22 12.04 -7.50 28.51
CA TYR B 22 12.21 -8.96 28.55
C TYR B 22 12.56 -9.65 27.22
N SER B 23 12.22 -9.05 26.09
CA SER B 23 12.50 -9.65 24.77
C SER B 23 13.99 -9.75 24.48
N LYS B 24 14.39 -10.82 23.80
CA LYS B 24 15.76 -10.96 23.31
C LYS B 24 15.79 -11.09 21.79
N ASP B 25 14.73 -10.62 21.15
CA ASP B 25 14.62 -10.63 19.70
C ASP B 25 14.60 -9.20 19.18
N VAL B 26 15.57 -8.86 18.33
CA VAL B 26 15.71 -7.48 17.86
C VAL B 26 14.42 -6.93 17.25
N TYR B 27 13.68 -7.78 16.52
CA TYR B 27 12.46 -7.35 15.81
C TYR B 27 11.29 -7.10 16.74
N ASP B 28 11.16 -7.91 17.78
CA ASP B 28 10.17 -7.68 18.81
C ASP B 28 10.52 -6.43 19.62
N ILE B 29 11.80 -6.30 19.99
CA ILE B 29 12.26 -5.15 20.76
C ILE B 29 11.90 -3.86 19.99
N GLU B 30 12.16 -3.87 18.69
CA GLU B 30 11.83 -2.72 17.81
C GLU B 30 10.34 -2.39 17.85
N ARG B 31 9.50 -3.43 17.73
CA ARG B 31 8.04 -3.27 17.80
C ARG B 31 7.60 -2.63 19.11
N PHE B 32 8.12 -3.14 20.23
CA PHE B 32 7.79 -2.59 21.53
C PHE B 32 8.35 -1.17 21.69
N GLN B 33 9.53 -0.93 21.14
CA GLN B 33 10.18 0.40 21.18
C GLN B 33 9.26 1.42 20.50
N GLN B 34 8.77 1.05 19.31
CA GLN B 34 7.80 1.85 18.56
C GLN B 34 6.54 2.16 19.36
N LEU B 35 5.96 1.14 19.99
CA LEU B 35 4.76 1.32 20.81
C LEU B 35 5.00 2.21 22.04
N ARG B 36 6.18 2.08 22.65
CA ARG B 36 6.60 2.97 23.73
C ARG B 36 6.58 4.43 23.25
N ASP B 37 7.24 4.68 22.12
CA ASP B 37 7.41 6.02 21.53
C ASP B 37 6.06 6.64 21.19
N ILE B 38 5.18 5.85 20.57
CA ILE B 38 3.84 6.29 20.19
C ILE B 38 3.00 6.65 21.43
N SER B 39 3.08 5.82 22.46
CA SER B 39 2.33 6.07 23.68
C SER B 39 2.82 7.31 24.45
N ILE B 40 4.14 7.54 24.44
CA ILE B 40 4.75 8.77 25.01
C ILE B 40 4.16 9.99 24.32
N SER B 41 4.14 9.95 22.99
CA SER B 41 3.57 11.02 22.17
C SER B 41 2.11 11.27 22.51
N MSE B 42 1.32 10.20 22.52
CA MSE B 42 -0.10 10.29 22.88
C MSE B 42 -0.33 10.87 24.28
O MSE B 42 -1.23 11.69 24.47
CB MSE B 42 -0.76 8.91 22.75
CG MSE B 42 -0.80 8.41 21.32
SE MSE B 42 -1.42 6.58 21.15
CE MSE B 42 -3.31 6.85 21.27
N MSE B 43 0.50 10.47 25.25
CA MSE B 43 0.38 10.94 26.63
C MSE B 43 0.78 12.41 26.81
O MSE B 43 0.40 13.03 27.80
CB MSE B 43 1.22 10.09 27.58
CG MSE B 43 0.54 8.81 28.02
SE MSE B 43 -1.03 9.12 29.15
CE MSE B 43 -2.41 8.97 27.84
N SER B 44 1.55 12.93 25.85
CA SER B 44 2.03 14.31 25.90
C SER B 44 0.94 15.34 25.60
N HIS B 45 -0.20 14.86 25.12
CA HIS B 45 -1.38 15.70 24.88
C HIS B 45 -2.14 16.04 26.17
N TYR B 46 -2.87 17.15 26.12
CA TYR B 46 -3.59 17.68 27.26
C TYR B 46 -4.62 16.68 27.80
N THR B 47 -4.43 16.30 29.06
CA THR B 47 -5.17 15.22 29.74
C THR B 47 -6.64 15.54 30.03
N LYS B 48 -6.99 16.82 30.06
CA LYS B 48 -8.34 17.25 30.42
C LYS B 48 -9.30 17.35 29.24
N THR B 49 -8.86 16.86 28.07
CA THR B 49 -9.72 16.82 26.89
C THR B 49 -9.79 15.44 26.23
N ASP B 50 -11.01 15.02 25.93
CA ASP B 50 -11.28 13.74 25.26
C ASP B 50 -11.16 13.83 23.74
N TRP B 51 -10.92 12.68 23.08
CA TRP B 51 -10.86 12.63 21.61
C TRP B 51 -12.24 12.79 20.99
N GLU B 52 -12.27 13.35 19.77
CA GLU B 52 -13.52 13.50 19.02
C GLU B 52 -14.02 12.18 18.45
N VAL B 53 -15.27 11.86 18.77
CA VAL B 53 -15.94 10.69 18.23
C VAL B 53 -16.16 10.84 16.72
N VAL B 54 -15.85 9.79 15.96
CA VAL B 54 -16.08 9.76 14.53
C VAL B 54 -17.00 8.59 14.22
N GLU B 55 -18.31 8.81 14.40
CA GLU B 55 -19.32 7.79 14.18
C GLU B 55 -19.38 7.43 12.70
N LYS B 56 -19.76 6.18 12.40
CA LYS B 56 -19.84 5.72 11.01
C LYS B 56 -18.48 5.76 10.25
N LEU B 57 -17.37 5.71 10.99
CA LEU B 57 -16.05 5.50 10.38
C LEU B 57 -16.08 4.17 9.62
N PHE B 58 -16.92 3.25 10.09
CA PHE B 58 -17.05 1.93 9.47
C PHE B 58 -18.32 1.78 8.62
N ALA B 59 -19.00 2.88 8.34
CA ALA B 59 -20.26 2.87 7.57
C ALA B 59 -20.17 2.11 6.23
N SER B 60 -19.12 2.39 5.47
CA SER B 60 -18.93 1.78 4.14
C SER B 60 -17.92 0.62 4.16
N GLU B 61 -17.32 0.38 5.33
CA GLU B 61 -16.29 -0.65 5.48
C GLU B 61 -16.89 -2.05 5.51
N THR B 62 -16.36 -2.96 4.69
CA THR B 62 -16.88 -4.33 4.59
C THR B 62 -15.84 -5.40 4.96
N GLY B 63 -14.66 -4.95 5.37
CA GLY B 63 -13.58 -5.86 5.77
C GLY B 63 -12.95 -6.56 4.58
N TYR B 64 -13.11 -5.94 3.40
CA TYR B 64 -12.62 -6.48 2.14
C TYR B 64 -11.11 -6.59 2.16
N GLN B 65 -10.61 -7.79 1.90
CA GLN B 65 -9.16 -8.04 1.84
C GLN B 65 -8.67 -8.03 0.40
N THR B 66 -7.46 -7.48 0.20
CA THR B 66 -6.80 -7.45 -1.10
C THR B 66 -5.43 -8.08 -0.92
N PRO B 67 -4.69 -8.29 -2.03
CA PRO B 67 -3.31 -8.71 -1.86
C PRO B 67 -2.54 -7.71 -0.97
N LYS B 68 -1.47 -8.16 -0.33
CA LYS B 68 -0.59 -7.29 0.45
C LYS B 68 0.38 -6.60 -0.52
N VAL B 69 1.02 -5.54 -0.05
CA VAL B 69 1.94 -4.75 -0.87
C VAL B 69 3.36 -4.80 -0.32
N ASP B 70 4.30 -5.24 -1.17
CA ASP B 70 5.73 -5.22 -0.87
C ASP B 70 6.34 -4.12 -1.76
N ILE B 71 7.34 -3.43 -1.24
CA ILE B 71 8.04 -2.38 -2.00
C ILE B 71 9.51 -2.76 -2.13
N ARG B 72 10.10 -2.56 -3.30
CA ARG B 72 11.54 -2.76 -3.46
C ARG B 72 12.16 -1.49 -4.06
N ALA B 73 13.15 -0.93 -3.36
CA ALA B 73 13.91 0.21 -3.86
C ALA B 73 15.03 -0.26 -4.81
N VAL B 74 15.09 0.40 -5.97
CA VAL B 74 16.05 0.06 -7.03
C VAL B 74 17.01 1.24 -7.16
N VAL B 75 18.18 1.09 -6.55
CA VAL B 75 19.15 2.18 -6.42
C VAL B 75 20.44 1.78 -7.12
N PHE B 76 20.79 2.54 -8.16
CA PHE B 76 22.03 2.34 -8.91
C PHE B 76 23.07 3.41 -8.64
N GLN B 77 24.32 2.97 -8.50
CA GLN B 77 25.50 3.85 -8.46
C GLN B 77 26.58 3.16 -9.30
N ASN B 78 27.23 3.92 -10.20
CA ASN B 78 28.33 3.38 -11.02
C ASN B 78 27.94 2.06 -11.73
N GLU B 79 26.71 2.04 -12.25
CA GLU B 79 26.09 0.88 -12.93
C GLU B 79 25.95 -0.38 -12.06
N LYS B 80 26.05 -0.20 -10.75
CA LYS B 80 25.89 -1.28 -9.79
C LYS B 80 24.64 -1.06 -8.96
N LEU B 81 24.03 -2.16 -8.54
CA LEU B 81 22.71 -2.14 -7.89
C LEU B 81 22.82 -2.48 -6.41
N LEU B 82 22.13 -1.71 -5.57
CA LEU B 82 22.23 -1.83 -4.12
C LEU B 82 21.49 -3.02 -3.52
N PHE B 83 22.23 -3.89 -2.83
CA PHE B 83 21.64 -5.03 -2.11
C PHE B 83 22.02 -5.02 -0.64
N VAL B 84 21.20 -5.73 0.15
CA VAL B 84 21.39 -5.90 1.59
C VAL B 84 21.35 -7.40 1.93
N LYS B 85 22.30 -7.85 2.74
CA LYS B 85 22.35 -9.25 3.18
C LYS B 85 21.71 -9.43 4.56
N GLU B 86 20.80 -10.40 4.65
CA GLU B 86 20.03 -10.69 5.88
C GLU B 86 20.90 -10.96 7.11
N GLY B 90 21.74 -15.90 4.82
CA GLY B 90 22.73 -15.04 4.19
C GLY B 90 22.47 -14.79 2.72
N LYS B 91 21.20 -14.55 2.38
CA LYS B 91 20.83 -14.21 1.02
C LYS B 91 20.59 -12.70 0.87
N TRP B 92 20.66 -12.23 -0.36
CA TRP B 92 20.67 -10.80 -0.65
C TRP B 92 19.38 -10.34 -1.30
N ALA B 93 18.95 -9.14 -0.94
CA ALA B 93 17.79 -8.53 -1.58
C ALA B 93 17.92 -7.01 -1.68
N LEU B 94 17.17 -6.43 -2.60
CA LEU B 94 17.01 -4.97 -2.66
C LEU B 94 16.42 -4.44 -1.36
N PRO B 95 16.77 -3.21 -0.98
CA PRO B 95 16.13 -2.67 0.21
C PRO B 95 14.63 -2.63 -0.05
N GLY B 96 13.85 -2.89 0.98
CA GLY B 96 12.39 -2.84 0.84
C GLY B 96 11.71 -3.65 1.93
N GLY B 97 10.50 -4.11 1.62
CA GLY B 97 9.72 -4.85 2.60
C GLY B 97 8.27 -4.43 2.50
N TRP B 98 7.48 -4.85 3.49
CA TRP B 98 6.05 -4.55 3.48
C TRP B 98 5.83 -3.05 3.51
N ALA B 99 4.85 -2.59 2.75
CA ALA B 99 4.39 -1.21 2.86
C ALA B 99 3.57 -1.06 4.15
N ASP B 100 3.72 0.07 4.83
CA ASP B 100 2.94 0.34 6.04
C ASP B 100 1.77 1.29 5.81
N VAL B 101 0.68 1.01 6.53
CA VAL B 101 -0.39 1.97 6.73
C VAL B 101 0.22 3.30 7.20
N GLY B 102 -0.19 4.40 6.57
CA GLY B 102 0.27 5.75 6.91
C GLY B 102 1.37 6.30 6.01
N TYR B 103 1.90 5.46 5.12
CA TYR B 103 2.99 5.86 4.19
C TYR B 103 2.61 5.69 2.73
N THR B 104 3.07 6.62 1.88
CA THR B 104 2.95 6.46 0.42
C THR B 104 4.00 5.43 -0.07
N PRO B 105 3.84 4.90 -1.30
CA PRO B 105 4.81 3.95 -1.85
C PRO B 105 6.25 4.49 -1.84
N THR B 106 6.47 5.72 -2.29
CA THR B 106 7.84 6.26 -2.27
C THR B 106 8.35 6.52 -0.85
N GLU B 107 7.47 6.89 0.08
CA GLU B 107 7.85 7.01 1.49
C GLU B 107 8.36 5.70 2.08
N VAL B 108 7.70 4.60 1.74
CA VAL B 108 8.16 3.26 2.12
C VAL B 108 9.54 2.94 1.52
N ALA B 109 9.69 3.17 0.22
CA ALA B 109 11.01 2.97 -0.43
C ALA B 109 12.13 3.74 0.30
N ALA B 110 11.89 5.02 0.58
CA ALA B 110 12.90 5.89 1.21
C ALA B 110 13.18 5.43 2.65
N LYS B 111 12.11 5.14 3.41
CA LYS B 111 12.25 4.64 4.78
C LYS B 111 13.05 3.33 4.83
N GLU B 112 12.78 2.40 3.92
CA GLU B 112 13.50 1.11 3.91
C GLU B 112 14.98 1.27 3.52
N VAL B 113 15.24 2.10 2.50
CA VAL B 113 16.64 2.39 2.17
C VAL B 113 17.35 3.02 3.37
N PHE B 114 16.70 3.99 4.00
CA PHE B 114 17.30 4.68 5.15
C PHE B 114 17.60 3.70 6.29
N GLU B 115 16.62 2.89 6.63
CA GLU B 115 16.72 1.98 7.77
C GLU B 115 17.74 0.88 7.55
N GLU B 116 17.74 0.28 6.35
CA GLU B 116 18.63 -0.83 6.03
C GLU B 116 20.06 -0.41 5.71
N THR B 117 20.22 0.80 5.15
CA THR B 117 21.51 1.18 4.53
C THR B 117 22.10 2.49 5.03
N GLY B 118 21.26 3.36 5.57
CA GLY B 118 21.68 4.67 6.02
C GLY B 118 21.59 5.77 4.97
N TYR B 119 21.45 5.38 3.71
CA TYR B 119 21.38 6.33 2.61
C TYR B 119 20.04 7.08 2.56
N GLU B 120 20.11 8.34 2.18
CA GLU B 120 18.92 9.16 1.89
C GLU B 120 18.70 9.16 0.38
N VAL B 121 17.49 8.82 -0.05
CA VAL B 121 17.17 8.80 -1.50
C VAL B 121 16.06 9.78 -1.90
N ASP B 122 16.02 10.11 -3.18
CA ASP B 122 14.99 10.97 -3.76
C ASP B 122 14.90 10.60 -5.23
N HIS B 123 14.10 11.35 -5.99
CA HIS B 123 14.00 11.19 -7.44
C HIS B 123 13.43 9.82 -7.81
N PHE B 124 12.21 9.59 -7.34
CA PHE B 124 11.57 8.29 -7.50
C PHE B 124 11.03 8.09 -8.90
N LYS B 125 11.07 6.83 -9.34
CA LYS B 125 10.60 6.48 -10.67
C LYS B 125 9.88 5.14 -10.57
N LEU B 126 8.66 5.09 -11.07
CA LEU B 126 7.89 3.84 -11.05
C LEU B 126 8.46 2.90 -12.11
N LEU B 127 8.79 1.67 -11.74
CA LEU B 127 9.39 0.74 -12.71
C LEU B 127 8.51 -0.47 -13.07
N ALA B 128 7.95 -1.12 -12.05
CA ALA B 128 7.18 -2.34 -12.29
C ALA B 128 6.28 -2.68 -11.11
N ILE B 129 5.18 -3.37 -11.40
CA ILE B 129 4.44 -4.05 -10.34
C ILE B 129 4.29 -5.51 -10.73
N PHE B 130 4.93 -6.39 -9.97
CA PHE B 130 4.83 -7.82 -10.22
C PHE B 130 3.88 -8.48 -9.26
N ASP B 131 3.22 -9.53 -9.74
CA ASP B 131 2.43 -10.41 -8.90
C ASP B 131 3.38 -11.49 -8.39
N LYS B 132 3.55 -11.56 -7.07
CA LYS B 132 4.50 -12.47 -6.46
C LYS B 132 4.24 -13.91 -6.93
N GLU B 133 2.97 -14.25 -7.11
CA GLU B 133 2.57 -15.58 -7.61
C GLU B 133 3.07 -15.98 -8.99
N LYS B 134 3.41 -14.99 -9.83
CA LYS B 134 3.90 -15.27 -11.18
C LYS B 134 5.41 -15.34 -11.27
N HIS B 135 6.09 -15.19 -10.13
CA HIS B 135 7.54 -15.06 -10.15
C HIS B 135 8.23 -15.88 -9.06
N GLN B 136 7.73 -15.80 -7.83
CA GLN B 136 8.37 -16.45 -6.68
C GLN B 136 7.36 -16.99 -5.68
N PRO B 137 6.41 -17.83 -6.15
CA PRO B 137 5.42 -18.37 -5.23
C PRO B 137 6.07 -19.33 -4.23
N SER B 138 5.48 -19.40 -3.05
CA SER B 138 5.84 -20.39 -2.04
C SER B 138 4.58 -21.17 -1.64
N PRO B 139 4.74 -22.29 -0.89
CA PRO B 139 3.59 -22.97 -0.30
C PRO B 139 2.65 -22.05 0.49
N SER B 140 3.18 -20.91 0.96
CA SER B 140 2.38 -19.88 1.63
C SER B 140 1.23 -19.39 0.75
N ALA B 141 0.09 -19.12 1.38
CA ALA B 141 -1.11 -18.68 0.66
C ALA B 141 -1.21 -17.14 0.58
N THR B 142 -0.16 -16.44 0.98
CA THR B 142 -0.19 -14.97 1.02
C THR B 142 0.02 -14.38 -0.36
N HIS B 143 -0.99 -13.63 -0.83
CA HIS B 143 -0.96 -12.98 -2.15
C HIS B 143 -0.33 -11.60 -2.01
N VAL B 144 0.69 -11.36 -2.82
CA VAL B 144 1.48 -10.12 -2.71
C VAL B 144 1.68 -9.49 -4.08
N TYR B 145 1.50 -8.17 -4.14
CA TYR B 145 1.92 -7.37 -5.29
C TYR B 145 3.22 -6.66 -4.93
N LYS B 146 4.19 -6.67 -5.82
CA LYS B 146 5.50 -6.14 -5.50
C LYS B 146 5.80 -4.93 -6.38
N ILE B 147 5.91 -3.76 -5.75
CA ILE B 147 6.16 -2.51 -6.48
C ILE B 147 7.64 -2.17 -6.47
N PHE B 148 8.23 -2.05 -7.66
CA PHE B 148 9.65 -1.73 -7.81
C PHE B 148 9.78 -0.27 -8.18
N ILE B 149 10.51 0.47 -7.34
CA ILE B 149 10.62 1.92 -7.42
C ILE B 149 12.09 2.33 -7.51
N GLY B 150 12.48 2.90 -8.64
CA GLY B 150 13.83 3.43 -8.76
C GLY B 150 14.00 4.72 -7.97
N CYS B 151 15.21 4.96 -7.46
CA CYS B 151 15.51 6.24 -6.78
C CYS B 151 17.01 6.40 -6.67
N GLU B 152 17.42 7.60 -6.27
CA GLU B 152 18.84 8.01 -6.32
C GLU B 152 19.32 8.44 -4.97
N ILE B 153 20.54 8.05 -4.63
CA ILE B 153 21.16 8.49 -3.37
C ILE B 153 21.48 9.98 -3.49
N ILE B 154 21.03 10.75 -2.50
CA ILE B 154 21.27 12.19 -2.45
C ILE B 154 21.99 12.62 -1.18
N GLY B 155 22.16 11.68 -0.25
CA GLY B 155 22.80 11.99 1.03
C GLY B 155 22.77 10.84 1.99
N GLY B 156 22.85 11.16 3.28
CA GLY B 156 22.88 10.15 4.32
C GLY B 156 24.31 9.62 4.48
N GLU B 157 24.41 8.50 5.17
CA GLU B 157 25.71 7.89 5.42
C GLU B 157 25.53 6.39 5.40
N LYS B 158 26.50 5.68 4.82
CA LYS B 158 26.43 4.23 4.82
C LYS B 158 26.54 3.73 6.26
N LYS B 159 25.49 3.04 6.70
CA LYS B 159 25.35 2.69 8.10
C LYS B 159 24.61 1.38 8.20
N THR B 164 22.25 -6.25 10.76
CA THR B 164 22.43 -6.43 9.32
C THR B 164 23.87 -6.81 9.00
N GLU B 165 24.02 -7.84 8.18
CA GLU B 165 25.34 -8.34 7.82
C GLU B 165 26.09 -7.33 6.96
N GLU B 166 25.51 -7.00 5.81
CA GLU B 166 26.25 -6.34 4.75
C GLU B 166 25.35 -5.58 3.82
N VAL B 167 25.84 -4.41 3.42
CA VAL B 167 25.18 -3.57 2.43
C VAL B 167 26.21 -3.36 1.33
N GLU B 168 25.88 -3.75 0.11
CA GLU B 168 26.84 -3.69 -1.00
C GLU B 168 26.18 -3.45 -2.35
N PHE B 169 26.91 -2.78 -3.25
CA PHE B 169 26.47 -2.63 -4.63
C PHE B 169 27.10 -3.73 -5.49
N PHE B 170 26.31 -4.27 -6.43
CA PHE B 170 26.78 -5.34 -7.31
C PHE B 170 26.48 -5.06 -8.77
N GLY B 171 27.44 -5.34 -9.64
CA GLY B 171 27.20 -5.27 -11.08
C GLY B 171 26.42 -6.46 -11.60
N GLU B 172 25.94 -6.33 -12.84
CA GLU B 172 25.02 -7.30 -13.44
C GLU B 172 25.62 -8.70 -13.54
N ASN B 173 26.94 -8.76 -13.70
CA ASN B 173 27.63 -10.04 -13.91
C ASN B 173 28.30 -10.60 -12.65
N GLU B 174 27.99 -9.98 -11.50
CA GLU B 174 28.51 -10.39 -10.20
C GLU B 174 27.42 -10.37 -9.13
N LEU B 175 26.20 -10.72 -9.53
CA LEU B 175 25.07 -10.73 -8.61
C LEU B 175 25.31 -11.71 -7.47
N PRO B 176 24.93 -11.32 -6.25
CA PRO B 176 25.13 -12.20 -5.11
C PRO B 176 24.05 -13.29 -5.08
N ASN B 177 24.10 -14.14 -4.06
CA ASN B 177 23.09 -15.18 -3.86
C ASN B 177 21.78 -14.54 -3.42
N LEU B 178 20.81 -14.53 -4.33
CA LEU B 178 19.56 -13.80 -4.11
C LEU B 178 18.59 -14.50 -3.19
N SER B 179 17.88 -13.70 -2.37
CA SER B 179 16.69 -14.16 -1.69
C SER B 179 15.54 -14.15 -2.69
N ILE B 180 15.28 -15.32 -3.27
CA ILE B 180 14.36 -15.43 -4.38
C ILE B 180 12.95 -14.98 -3.99
N ALA B 181 12.56 -15.27 -2.76
CA ALA B 181 11.28 -14.83 -2.22
C ALA B 181 11.07 -13.31 -2.36
N ARG B 182 12.16 -12.55 -2.30
CA ARG B 182 12.08 -11.08 -2.34
C ARG B 182 12.39 -10.51 -3.72
N ASN B 183 13.26 -11.20 -4.47
CA ASN B 183 13.60 -10.80 -5.83
C ASN B 183 14.21 -11.96 -6.61
N THR B 184 13.61 -12.31 -7.74
CA THR B 184 14.12 -13.35 -8.62
C THR B 184 15.27 -12.79 -9.46
N GLU B 185 16.04 -13.69 -10.07
CA GLU B 185 17.11 -13.27 -10.99
C GLU B 185 16.52 -12.48 -12.16
N ASP B 186 15.40 -12.95 -12.70
CA ASP B 186 14.73 -12.28 -13.82
C ASP B 186 14.27 -10.87 -13.47
N GLN B 187 13.73 -10.69 -12.26
CA GLN B 187 13.32 -9.36 -11.79
C GLN B 187 14.51 -8.43 -11.72
N ILE B 188 15.63 -8.93 -11.19
CA ILE B 188 16.89 -8.18 -11.11
C ILE B 188 17.45 -7.83 -12.50
N LYS B 189 17.35 -8.76 -13.44
CA LYS B 189 17.79 -8.49 -14.82
C LYS B 189 16.95 -7.39 -15.47
N GLU B 190 15.64 -7.41 -15.20
CA GLU B 190 14.75 -6.37 -15.70
C GLU B 190 15.16 -5.02 -15.13
N MSE B 191 15.55 -4.98 -13.85
CA MSE B 191 16.03 -3.73 -13.25
C MSE B 191 17.26 -3.19 -13.97
O MSE B 191 17.38 -1.99 -14.22
CB MSE B 191 16.25 -3.86 -11.75
CG MSE B 191 14.98 -4.10 -10.94
SE MSE B 191 13.41 -3.03 -11.46
CE MSE B 191 12.25 -4.42 -12.22
N PHE B 192 18.19 -4.09 -14.32
CA PHE B 192 19.34 -3.67 -15.12
C PHE B 192 18.95 -3.15 -16.50
N ALA B 193 17.89 -3.73 -17.08
CA ALA B 193 17.32 -3.25 -18.33
C ALA B 193 16.72 -1.84 -18.22
N TYR B 194 16.05 -1.53 -17.08
CA TYR B 194 15.61 -0.15 -16.81
C TYR B 194 16.79 0.81 -16.70
N MSE B 195 17.87 0.38 -16.06
CA MSE B 195 19.05 1.25 -15.94
C MSE B 195 19.60 1.63 -17.32
O MSE B 195 19.93 2.79 -17.56
CB MSE B 195 20.11 0.59 -15.06
CG MSE B 195 21.27 1.49 -14.73
SE MSE B 195 22.70 1.10 -16.01
CE MSE B 195 23.22 -0.61 -15.22
N LYS B 196 19.67 0.64 -18.21
CA LYS B 196 20.23 0.84 -19.56
C LYS B 196 19.30 1.59 -20.52
N ASP B 197 18.00 1.54 -20.25
CA ASP B 197 17.01 2.18 -21.10
C ASP B 197 15.95 2.88 -20.22
N PRO B 198 16.13 4.19 -20.00
CA PRO B 198 15.21 4.94 -19.12
C PRO B 198 13.77 5.01 -19.64
N GLN B 199 13.55 4.65 -20.90
CA GLN B 199 12.20 4.68 -21.46
C GLN B 199 11.62 3.29 -21.67
N LYS B 200 12.27 2.28 -21.07
CA LYS B 200 11.75 0.91 -21.07
C LYS B 200 10.31 0.92 -20.56
N GLU B 201 9.44 0.22 -21.28
CA GLU B 201 8.05 0.03 -20.89
C GLU B 201 7.95 -0.51 -19.44
N LYS B 202 7.07 0.11 -18.64
CA LYS B 202 6.82 -0.37 -17.27
C LYS B 202 6.22 -1.77 -17.31
N LEU B 203 6.69 -2.64 -16.45
CA LEU B 203 6.17 -4.00 -16.42
C LEU B 203 5.04 -4.11 -15.41
N ILE B 204 3.98 -4.80 -15.79
CA ILE B 204 2.85 -5.03 -14.89
C ILE B 204 2.19 -6.39 -15.19
N ASP B 205 2.03 -7.19 -14.15
CA ASP B 205 1.37 -8.49 -14.31
C ASP B 205 -0.15 -8.37 -14.35
S SO4 C . -17.73 10.85 -3.25
O1 SO4 C . -18.19 9.62 -3.97
O2 SO4 C . -16.45 10.60 -2.59
O3 SO4 C . -17.60 12.03 -4.18
O4 SO4 C . -18.74 11.17 -2.19
S SO4 D . 14.86 -17.80 -0.84
O1 SO4 D . 13.65 -18.33 -1.46
O2 SO4 D . 15.23 -18.62 0.32
O3 SO4 D . 15.96 -17.81 -1.81
O4 SO4 D . 14.58 -16.44 -0.38
#